data_2O6P
#
_entry.id   2O6P
#
_cell.length_a   47.489
_cell.length_b   70.441
_cell.length_c   88.685
_cell.angle_alpha   90.00
_cell.angle_beta   90.00
_cell.angle_gamma   90.00
#
_symmetry.space_group_name_H-M   'P 21 21 21'
#
loop_
_entity.id
_entity.type
_entity.pdbx_description
1 polymer 'Iron-regulated surface determinant protein C'
2 non-polymer 'ZINC ION'
3 non-polymer 'CHLORIDE ION'
4 non-polymer 'PROTOPORPHYRIN IX CONTAINING FE'
5 water water
#
_entity_poly.entity_id   1
_entity_poly.type   'polypeptide(L)'
_entity_poly.pdbx_seq_one_letter_code
;GSDSGTLNYEVYKYNTNDTSIANDYFNKPAKYIKKNGKLYVQITVNHSHWITGMSIEGHKENIISKNTAKDERTSEFEVS
KLNGKIDGKIDVYIDEKVNGKPFKYDHHYNITYKFNGPTDVAGANAPGKDDKNSASGSDKGSDGTTTGQSESNSSNKDKV
E
;
_entity_poly.pdbx_strand_id   A,B
#
loop_
_chem_comp.id
_chem_comp.type
_chem_comp.name
_chem_comp.formula
CL non-polymer 'CHLORIDE ION' 'Cl -1'
HEM non-polymer 'PROTOPORPHYRIN IX CONTAINING FE' 'C34 H32 Fe N4 O4'
ZN non-polymer 'ZINC ION' 'Zn 2'
#
# COMPACT_ATOMS: atom_id res chain seq x y z
N GLY A 1 -16.59 5.61 38.20
CA GLY A 1 -16.20 4.94 36.91
C GLY A 1 -15.88 3.46 37.00
N SER A 2 -15.46 2.91 35.87
CA SER A 2 -15.09 1.51 35.81
CA SER A 2 -15.09 1.50 35.79
C SER A 2 -13.73 1.37 35.14
N ASP A 3 -12.86 0.57 35.74
CA ASP A 3 -11.48 0.40 35.28
C ASP A 3 -11.34 -0.53 34.09
N SER A 4 -12.45 -1.03 33.60
CA SER A 4 -12.46 -1.76 32.33
C SER A 4 -13.83 -1.57 31.69
N GLY A 5 -13.91 -1.79 30.38
CA GLY A 5 -15.17 -1.63 29.66
C GLY A 5 -14.93 -1.47 28.18
N THR A 6 -15.90 -0.92 27.47
CA THR A 6 -15.73 -0.73 26.05
C THR A 6 -15.50 0.74 25.77
N LEU A 7 -14.89 1.04 24.63
CA LEU A 7 -14.82 2.42 24.22
C LEU A 7 -14.89 2.56 22.71
N ASN A 8 -15.62 3.58 22.32
CA ASN A 8 -15.73 3.96 20.93
CA ASN A 8 -15.71 3.94 20.91
C ASN A 8 -14.47 4.71 20.53
N TYR A 9 -14.09 4.58 19.27
CA TYR A 9 -12.95 5.31 18.74
C TYR A 9 -13.09 5.37 17.23
N GLU A 10 -12.26 6.20 16.61
CA GLU A 10 -12.20 6.29 15.16
C GLU A 10 -10.74 6.43 14.77
N VAL A 11 -10.39 5.96 13.58
CA VAL A 11 -9.04 6.17 13.07
C VAL A 11 -9.05 7.26 12.00
N TYR A 12 -8.28 8.31 12.24
CA TYR A 12 -8.18 9.45 11.35
C TYR A 12 -6.91 9.42 10.52
N LYS A 13 -6.98 9.99 9.32
CA LYS A 13 -5.78 10.30 8.57
C LYS A 13 -4.88 11.19 9.42
N TYR A 14 -3.59 10.89 9.39
CA TYR A 14 -2.61 11.48 10.30
C TYR A 14 -2.78 12.98 10.44
N ASN A 15 -3.02 13.43 11.68
CA ASN A 15 -3.07 14.86 11.99
C ASN A 15 -4.14 15.63 11.22
N THR A 16 -5.24 14.95 10.97
CA THR A 16 -6.44 15.56 10.40
C THR A 16 -7.63 15.15 11.24
N ASN A 17 -8.79 15.71 10.89
CA ASN A 17 -10.04 15.29 11.51
C ASN A 17 -10.86 14.46 10.52
N ASP A 18 -10.19 13.94 9.48
CA ASP A 18 -10.80 13.12 8.45
C ASP A 18 -10.59 11.64 8.70
N THR A 19 -11.63 10.85 8.45
CA THR A 19 -11.59 9.41 8.61
C THR A 19 -10.54 8.80 7.68
N SER A 20 -9.72 7.91 8.23
CA SER A 20 -8.67 7.26 7.46
C SER A 20 -9.23 6.16 6.60
N ILE A 21 -8.56 5.88 5.48
CA ILE A 21 -8.84 4.66 4.71
C ILE A 21 -8.70 3.41 5.60
N ALA A 22 -7.83 3.51 6.61
CA ALA A 22 -7.61 2.42 7.56
C ALA A 22 -8.83 2.12 8.42
N ASN A 23 -9.70 3.13 8.62
CA ASN A 23 -10.74 3.03 9.64
C ASN A 23 -11.65 1.80 9.51
N ASP A 24 -12.02 1.44 8.28
CA ASP A 24 -12.90 0.28 8.06
C ASP A 24 -12.31 -1.05 8.54
N TYR A 25 -10.99 -1.08 8.72
CA TYR A 25 -10.29 -2.31 9.09
C TYR A 25 -10.18 -2.45 10.61
N PHE A 26 -10.73 -1.46 11.31
CA PHE A 26 -10.72 -1.45 12.77
C PHE A 26 -12.13 -1.71 13.27
N ASN A 27 -12.32 -2.81 14.00
CA ASN A 27 -13.64 -3.13 14.56
C ASN A 27 -13.99 -2.18 15.70
N LYS A 28 -15.26 -1.79 15.76
CA LYS A 28 -15.73 -0.93 16.82
C LYS A 28 -16.80 -1.70 17.62
N PRO A 29 -16.86 -1.50 18.95
CA PRO A 29 -15.94 -0.74 19.78
C PRO A 29 -14.69 -1.55 20.17
N ALA A 30 -13.73 -0.87 20.78
CA ALA A 30 -12.59 -1.55 21.40
C ALA A 30 -12.95 -1.76 22.87
N LYS A 31 -12.03 -2.36 23.60
CA LYS A 31 -12.16 -2.46 25.04
CA LYS A 31 -12.14 -2.51 25.04
C LYS A 31 -11.00 -1.73 25.68
N TYR A 32 -11.15 -1.38 26.95
CA TYR A 32 -10.05 -0.79 27.70
C TYR A 32 -9.93 -1.50 29.03
N ILE A 33 -8.72 -1.50 29.56
CA ILE A 33 -8.44 -2.03 30.90
CA ILE A 33 -8.47 -2.00 30.90
C ILE A 33 -7.42 -1.14 31.60
N LYS A 34 -7.65 -0.88 32.87
CA LYS A 34 -6.67 -0.22 33.71
C LYS A 34 -6.12 -1.31 34.61
N LYS A 35 -4.79 -1.49 34.57
CA LYS A 35 -4.08 -2.51 35.34
C LYS A 35 -2.64 -2.08 35.62
N ASN A 36 -2.14 -2.49 36.80
CA ASN A 36 -0.81 -2.07 37.29
C ASN A 36 -0.60 -0.54 37.24
N GLY A 37 -1.66 0.22 37.51
CA GLY A 37 -1.65 1.68 37.45
C GLY A 37 -1.57 2.30 36.05
N LYS A 38 -1.65 1.45 35.03
CA LYS A 38 -1.51 1.90 33.63
C LYS A 38 -2.80 1.66 32.82
N LEU A 39 -2.94 2.40 31.72
CA LEU A 39 -4.14 2.32 30.87
C LEU A 39 -3.85 1.55 29.59
N TYR A 40 -4.74 0.64 29.23
CA TYR A 40 -4.57 -0.18 28.03
C TYR A 40 -5.84 -0.19 27.19
N VAL A 41 -5.66 -0.18 25.87
CA VAL A 41 -6.76 -0.49 24.97
C VAL A 41 -6.53 -1.83 24.28
N GLN A 42 -7.64 -2.51 24.00
CA GLN A 42 -7.61 -3.77 23.28
CA GLN A 42 -7.61 -3.77 23.27
C GLN A 42 -8.42 -3.61 22.00
N ILE A 43 -7.70 -3.57 20.88
CA ILE A 43 -8.28 -3.22 19.58
C ILE A 43 -8.29 -4.44 18.67
N THR A 44 -9.45 -4.72 18.07
CA THR A 44 -9.59 -5.81 17.13
C THR A 44 -9.60 -5.25 15.71
N VAL A 45 -8.71 -5.79 14.89
CA VAL A 45 -8.71 -5.43 13.46
C VAL A 45 -9.27 -6.57 12.62
N ASN A 46 -9.90 -6.21 11.50
CA ASN A 46 -10.29 -7.16 10.45
C ASN A 46 -9.27 -7.11 9.30
N HIS A 47 -9.34 -8.08 8.38
CA HIS A 47 -8.27 -8.27 7.40
C HIS A 47 -6.91 -8.35 8.13
N SER A 48 -6.89 -9.08 9.24
CA SER A 48 -5.69 -9.21 10.05
C SER A 48 -4.44 -9.60 9.23
N HIS A 49 -4.60 -10.51 8.27
CA HIS A 49 -3.43 -10.98 7.53
C HIS A 49 -2.81 -9.93 6.62
N TRP A 50 -3.59 -8.88 6.31
CA TRP A 50 -3.08 -7.73 5.54
C TRP A 50 -2.32 -6.71 6.40
N ILE A 51 -2.51 -6.76 7.70
CA ILE A 51 -1.91 -5.77 8.61
C ILE A 51 -0.75 -6.47 9.32
N THR A 52 0.47 -6.17 8.91
CA THR A 52 1.63 -6.90 9.40
C THR A 52 2.19 -6.36 10.70
N GLY A 53 1.79 -5.14 11.07
CA GLY A 53 2.21 -4.57 12.35
C GLY A 53 1.47 -3.31 12.70
N MET A 54 1.39 -3.06 14.02
CA MET A 54 0.73 -1.87 14.55
CA MET A 54 0.76 -1.84 14.53
C MET A 54 1.52 -1.35 15.75
N SER A 55 1.60 -0.03 15.89
CA SER A 55 2.06 0.58 17.14
CA SER A 55 2.09 0.60 17.12
C SER A 55 1.21 1.79 17.47
N ILE A 56 1.14 2.11 18.76
CA ILE A 56 0.42 3.31 19.21
C ILE A 56 1.31 3.99 20.26
N GLU A 57 1.51 5.30 20.10
CA GLU A 57 2.27 6.10 21.06
C GLU A 57 3.69 5.53 21.28
N GLY A 58 4.23 4.91 20.23
CA GLY A 58 5.59 4.36 20.27
C GLY A 58 5.70 2.94 20.78
N HIS A 59 4.57 2.33 21.14
CA HIS A 59 4.52 0.95 21.66
C HIS A 59 3.95 -0.01 20.62
N LYS A 60 4.74 -1.03 20.25
CA LYS A 60 4.28 -2.08 19.34
CA LYS A 60 4.27 -2.07 19.34
C LYS A 60 3.14 -2.89 19.97
N GLU A 61 2.24 -3.40 19.11
CA GLU A 61 1.13 -4.22 19.56
C GLU A 61 1.61 -5.43 20.38
N ASN A 62 0.81 -5.78 21.39
CA ASN A 62 0.92 -7.08 22.06
C ASN A 62 -0.33 -7.87 21.67
N ILE A 63 -0.15 -8.86 20.78
CA ILE A 63 -1.28 -9.60 20.23
C ILE A 63 -1.81 -10.55 21.30
N ILE A 64 -3.03 -10.31 21.77
CA ILE A 64 -3.58 -11.12 22.86
C ILE A 64 -4.47 -12.28 22.40
N SER A 65 -5.04 -12.15 21.21
CA SER A 65 -5.85 -13.22 20.62
CA SER A 65 -5.91 -13.18 20.63
C SER A 65 -5.93 -13.09 19.10
N LYS A 66 -6.20 -14.22 18.45
CA LYS A 66 -6.42 -14.24 16.99
C LYS A 66 -7.65 -15.08 16.68
N ASN A 67 -8.38 -14.67 15.65
CA ASN A 67 -9.45 -15.48 15.08
C ASN A 67 -9.12 -15.69 13.61
N THR A 68 -8.51 -16.82 13.32
CA THR A 68 -8.04 -17.15 11.96
CA THR A 68 -8.03 -17.13 11.96
C THR A 68 -9.20 -17.33 10.98
N ALA A 69 -10.32 -17.87 11.48
CA ALA A 69 -11.52 -18.06 10.65
C ALA A 69 -12.13 -16.73 10.16
N LYS A 70 -12.14 -15.73 11.03
CA LYS A 70 -12.70 -14.41 10.70
C LYS A 70 -11.64 -13.45 10.16
N ASP A 71 -10.39 -13.92 10.16
CA ASP A 71 -9.24 -13.10 9.77
C ASP A 71 -9.20 -11.82 10.62
N GLU A 72 -9.32 -12.00 11.93
CA GLU A 72 -9.26 -10.91 12.88
C GLU A 72 -8.17 -11.19 13.92
N ARG A 73 -7.65 -10.12 14.53
CA ARG A 73 -6.82 -10.28 15.72
C ARG A 73 -7.07 -9.15 16.69
N THR A 74 -6.79 -9.40 17.97
CA THR A 74 -6.97 -8.40 19.00
C THR A 74 -5.62 -8.09 19.64
N SER A 75 -5.27 -6.80 19.65
CA SER A 75 -3.98 -6.35 20.14
C SER A 75 -4.14 -5.36 21.27
N GLU A 76 -3.25 -5.48 22.25
CA GLU A 76 -3.29 -4.61 23.42
C GLU A 76 -2.16 -3.59 23.34
N PHE A 77 -2.49 -2.34 23.67
CA PHE A 77 -1.55 -1.24 23.64
C PHE A 77 -1.66 -0.44 24.93
N GLU A 78 -0.51 -0.11 25.52
CA GLU A 78 -0.49 0.90 26.57
C GLU A 78 -0.74 2.27 25.98
N VAL A 79 -1.64 3.03 26.59
CA VAL A 79 -1.95 4.39 26.16
C VAL A 79 -1.91 5.37 27.34
N SER A 80 -1.65 6.64 27.05
CA SER A 80 -1.54 7.65 28.10
C SER A 80 -2.90 8.20 28.54
N LYS A 81 -3.93 7.88 27.77
CA LYS A 81 -5.28 8.40 27.98
C LYS A 81 -6.32 7.54 27.27
N LEU A 82 -7.55 7.60 27.76
CA LEU A 82 -8.67 6.86 27.18
C LEU A 82 -9.58 7.76 26.36
N ASN A 83 -9.38 9.07 26.49
CA ASN A 83 -10.20 10.01 25.76
C ASN A 83 -9.33 11.12 25.16
N GLY A 84 -9.27 11.14 23.83
CA GLY A 84 -8.40 12.08 23.13
C GLY A 84 -7.66 11.42 21.98
N LYS A 85 -6.77 12.18 21.35
CA LYS A 85 -6.04 11.72 20.16
C LYS A 85 -4.67 11.18 20.50
N ILE A 86 -4.29 10.08 19.83
CA ILE A 86 -2.96 9.50 20.00
C ILE A 86 -2.50 9.05 18.62
N ASP A 87 -1.30 9.46 18.22
CA ASP A 87 -0.76 9.03 16.93
C ASP A 87 -0.24 7.60 17.02
N GLY A 88 -0.33 6.88 15.90
CA GLY A 88 0.14 5.50 15.82
C GLY A 88 0.67 5.21 14.44
N LYS A 89 1.08 3.95 14.23
CA LYS A 89 1.61 3.50 12.94
CA LYS A 89 1.58 3.51 12.93
C LYS A 89 0.98 2.17 12.55
N ILE A 90 0.88 1.94 11.25
CA ILE A 90 0.34 0.69 10.75
C ILE A 90 1.13 0.24 9.51
N ASP A 91 1.43 -1.06 9.44
CA ASP A 91 2.13 -1.64 8.29
C ASP A 91 1.14 -2.53 7.57
N VAL A 92 1.05 -2.32 6.26
CA VAL A 92 0.08 -3.04 5.43
C VAL A 92 0.82 -3.80 4.33
N TYR A 93 0.45 -5.06 4.15
CA TYR A 93 1.05 -5.86 3.07
C TYR A 93 -0.02 -6.75 2.47
N ILE A 94 -0.32 -6.52 1.19
CA ILE A 94 -1.33 -7.29 0.47
C ILE A 94 -0.67 -7.88 -0.76
N ASP A 95 -0.93 -9.15 -1.02
CA ASP A 95 -0.51 -9.76 -2.29
C ASP A 95 -1.51 -10.85 -2.61
N GLU A 96 -2.58 -10.45 -3.28
CA GLU A 96 -3.61 -11.40 -3.70
C GLU A 96 -4.45 -10.75 -4.77
N LYS A 97 -5.39 -11.51 -5.34
CA LYS A 97 -6.26 -10.93 -6.35
C LYS A 97 -7.33 -10.07 -5.72
N VAL A 98 -7.61 -8.95 -6.37
CA VAL A 98 -8.76 -8.11 -6.07
C VAL A 98 -9.59 -8.03 -7.35
N ASN A 99 -10.85 -8.43 -7.26
CA ASN A 99 -11.71 -8.55 -8.43
C ASN A 99 -11.04 -9.37 -9.55
N GLY A 100 -10.39 -10.45 -9.14
CA GLY A 100 -9.77 -11.40 -10.08
C GLY A 100 -8.40 -11.04 -10.62
N LYS A 101 -7.91 -9.85 -10.29
CA LYS A 101 -6.64 -9.31 -10.82
CA LYS A 101 -6.64 -9.38 -10.81
C LYS A 101 -5.59 -9.14 -9.72
N PRO A 102 -4.36 -9.67 -9.93
CA PRO A 102 -3.34 -9.56 -8.89
C PRO A 102 -3.12 -8.11 -8.43
N PHE A 103 -3.10 -7.93 -7.11
CA PHE A 103 -2.90 -6.65 -6.46
C PHE A 103 -1.77 -6.83 -5.43
N LYS A 104 -0.87 -5.86 -5.41
CA LYS A 104 0.25 -5.84 -4.47
CA LYS A 104 0.23 -5.85 -4.46
C LYS A 104 0.26 -4.49 -3.76
N TYR A 105 0.56 -4.49 -2.48
CA TYR A 105 0.49 -3.27 -1.67
C TYR A 105 1.42 -3.46 -0.50
N ASP A 106 2.32 -2.51 -0.29
CA ASP A 106 3.32 -2.63 0.76
C ASP A 106 3.67 -1.24 1.29
N HIS A 107 3.04 -0.86 2.40
CA HIS A 107 3.14 0.50 2.92
C HIS A 107 3.17 0.56 4.41
N HIS A 108 3.86 1.59 4.90
CA HIS A 108 3.93 1.88 6.32
C HIS A 108 3.37 3.29 6.48
N TYR A 109 2.33 3.42 7.30
CA TYR A 109 1.64 4.69 7.47
C TYR A 109 1.63 5.16 8.90
N ASN A 110 1.53 6.48 9.04
CA ASN A 110 1.13 7.11 10.29
C ASN A 110 -0.37 7.28 10.30
N ILE A 111 -0.99 7.15 11.46
CA ILE A 111 -2.44 7.36 11.62
C ILE A 111 -2.67 8.09 12.94
N THR A 112 -3.84 8.70 13.10
CA THR A 112 -4.21 9.34 14.36
C THR A 112 -5.48 8.71 14.91
N TYR A 113 -5.36 8.09 16.09
CA TYR A 113 -6.53 7.53 16.76
C TYR A 113 -7.27 8.62 17.52
N LYS A 114 -8.60 8.57 17.48
CA LYS A 114 -9.40 9.41 18.37
C LYS A 114 -10.19 8.48 19.28
N PHE A 115 -9.79 8.43 20.55
CA PHE A 115 -10.44 7.60 21.53
C PHE A 115 -11.52 8.38 22.24
N ASN A 116 -12.69 7.74 22.39
CA ASN A 116 -13.85 8.37 23.02
C ASN A 116 -14.27 7.58 24.28
N GLY A 117 -13.28 7.19 25.08
CA GLY A 117 -13.54 6.42 26.28
C GLY A 117 -13.98 7.31 27.43
N PRO A 118 -14.04 6.73 28.64
CA PRO A 118 -14.49 7.46 29.81
C PRO A 118 -13.46 8.50 30.20
N THR A 119 -13.91 9.56 30.87
CA THR A 119 -13.03 10.65 31.29
C THR A 119 -12.66 10.56 32.76
N ASP A 120 -13.26 9.59 33.46
CA ASP A 120 -13.09 9.44 34.92
C ASP A 120 -12.22 8.24 35.33
N VAL A 121 -11.43 7.71 34.39
CA VAL A 121 -10.50 6.62 34.66
C VAL A 121 -9.09 7.13 34.36
N ALA A 122 -8.37 7.47 35.43
CA ALA A 122 -7.05 8.08 35.29
C ALA A 122 -5.93 7.06 35.47
N GLY A 123 -4.76 7.34 34.90
CA GLY A 123 -3.60 6.48 35.09
C GLY A 123 -3.01 6.63 36.48
N GLY B 1 12.50 -7.83 -37.14
CA GLY B 1 13.77 -7.04 -37.04
C GLY B 1 15.00 -7.90 -37.19
N SER B 2 16.13 -7.44 -36.63
CA SER B 2 17.36 -8.22 -36.69
C SER B 2 17.55 -9.16 -35.50
N ASP B 3 16.87 -8.83 -34.40
CA ASP B 3 16.99 -9.58 -33.15
C ASP B 3 15.78 -9.19 -32.32
N SER B 4 15.31 -10.11 -31.48
CA SER B 4 14.32 -9.79 -30.46
C SER B 4 14.50 -10.80 -29.35
N GLY B 5 14.03 -10.45 -28.15
CA GLY B 5 14.17 -11.40 -27.05
C GLY B 5 13.56 -10.89 -25.78
N THR B 6 13.71 -11.68 -24.72
CA THR B 6 13.19 -11.28 -23.43
C THR B 6 14.18 -10.36 -22.76
N LEU B 7 13.64 -9.47 -21.94
CA LEU B 7 14.41 -8.41 -21.34
C LEU B 7 14.04 -8.35 -19.86
N ASN B 8 14.98 -8.76 -19.02
N ASN B 8 15.00 -8.77 -19.02
CA ASN B 8 14.81 -8.63 -17.58
CA ASN B 8 14.91 -8.63 -17.58
C ASN B 8 15.09 -7.19 -17.15
C ASN B 8 15.08 -7.16 -17.19
N TYR B 9 14.28 -6.69 -16.23
CA TYR B 9 14.39 -5.30 -15.78
C TYR B 9 13.73 -5.09 -14.43
N GLU B 10 14.04 -3.95 -13.83
CA GLU B 10 13.38 -3.52 -12.61
C GLU B 10 13.14 -2.02 -12.69
N VAL B 11 12.08 -1.56 -12.03
CA VAL B 11 11.78 -0.14 -11.93
C VAL B 11 12.20 0.35 -10.55
N TYR B 12 13.08 1.36 -10.55
CA TYR B 12 13.62 1.94 -9.34
C TYR B 12 13.02 3.31 -9.05
N LYS B 13 12.94 3.65 -7.77
CA LYS B 13 12.67 5.03 -7.38
C LYS B 13 13.71 5.95 -8.02
N TYR B 14 13.25 7.08 -8.54
CA TYR B 14 14.09 7.98 -9.32
C TYR B 14 15.42 8.29 -8.65
N ASN B 15 16.51 8.05 -9.39
CA ASN B 15 17.90 8.32 -8.92
C ASN B 15 18.33 7.53 -7.67
N THR B 16 17.73 6.36 -7.46
CA THR B 16 18.11 5.46 -6.38
C THR B 16 18.37 4.08 -6.95
N ASN B 17 18.79 3.17 -6.09
CA ASN B 17 18.85 1.75 -6.42
C ASN B 17 17.77 0.98 -5.67
N ASP B 18 16.78 1.71 -5.16
CA ASP B 18 15.67 1.13 -4.42
C ASP B 18 14.51 0.83 -5.36
N THR B 19 13.92 -0.35 -5.18
CA THR B 19 12.74 -0.75 -5.96
C THR B 19 11.63 0.29 -5.78
N SER B 20 11.03 0.69 -6.89
CA SER B 20 9.94 1.66 -6.88
C SER B 20 8.62 1.01 -6.50
N ILE B 21 7.74 1.79 -5.86
CA ILE B 21 6.34 1.43 -5.68
CA ILE B 21 6.36 1.37 -5.68
C ILE B 21 5.72 1.05 -7.03
N ALA B 22 6.17 1.71 -8.09
CA ALA B 22 5.66 1.43 -9.44
C ALA B 22 6.00 0.02 -9.91
N ASN B 23 7.06 -0.56 -9.37
CA ASN B 23 7.59 -1.81 -9.92
C ASN B 23 6.58 -2.95 -10.05
N ASP B 24 5.64 -3.02 -9.10
CA ASP B 24 4.63 -4.08 -9.11
C ASP B 24 3.68 -4.01 -10.31
N TYR B 25 3.61 -2.81 -10.91
CA TYR B 25 2.69 -2.54 -12.02
C TYR B 25 3.32 -2.86 -13.36
N PHE B 26 4.60 -3.25 -13.33
CA PHE B 26 5.33 -3.53 -14.55
C PHE B 26 5.57 -5.03 -14.66
N ASN B 27 4.94 -5.64 -15.67
CA ASN B 27 5.07 -7.08 -15.86
C ASN B 27 6.49 -7.44 -16.26
N LYS B 28 6.96 -8.59 -15.77
CA LYS B 28 8.32 -9.06 -16.01
C LYS B 28 8.26 -10.44 -16.65
N PRO B 29 9.15 -10.71 -17.63
CA PRO B 29 10.11 -9.80 -18.24
C PRO B 29 9.44 -8.94 -19.32
N ALA B 30 10.17 -7.94 -19.80
CA ALA B 30 9.75 -7.18 -20.99
C ALA B 30 10.30 -7.88 -22.22
N LYS B 31 10.11 -7.26 -23.37
CA LYS B 31 10.68 -7.77 -24.62
C LYS B 31 11.52 -6.66 -25.25
N TYR B 32 12.61 -7.04 -25.92
CA TYR B 32 13.31 -6.06 -26.76
C TYR B 32 13.18 -6.45 -28.25
N ILE B 33 13.28 -5.45 -29.10
CA ILE B 33 13.36 -5.64 -30.56
C ILE B 33 14.47 -4.74 -31.09
N LYS B 34 15.37 -5.32 -31.89
CA LYS B 34 16.34 -4.53 -32.63
C LYS B 34 15.83 -4.50 -34.05
N LYS B 35 15.54 -3.31 -34.54
CA LYS B 35 15.06 -3.15 -35.91
C LYS B 35 15.56 -1.84 -36.48
N ASN B 36 15.91 -1.88 -37.77
CA ASN B 36 16.31 -0.67 -38.52
C ASN B 36 17.46 0.11 -37.87
N GLY B 37 18.38 -0.62 -37.26
CA GLY B 37 19.56 -0.04 -36.60
C GLY B 37 19.27 0.64 -35.28
N LYS B 38 18.05 0.44 -34.76
CA LYS B 38 17.63 1.07 -33.51
C LYS B 38 17.18 0.00 -32.51
N LEU B 39 16.94 0.44 -31.27
CA LEU B 39 16.64 -0.45 -30.14
C LEU B 39 15.32 -0.06 -29.51
N TYR B 40 14.49 -1.07 -29.24
CA TYR B 40 13.15 -0.85 -28.71
C TYR B 40 12.88 -1.82 -27.56
N VAL B 41 12.10 -1.35 -26.59
CA VAL B 41 11.58 -2.20 -25.54
C VAL B 41 10.07 -2.20 -25.64
N GLN B 42 9.46 -3.34 -25.34
CA GLN B 42 8.01 -3.45 -25.32
C GLN B 42 7.65 -3.91 -23.93
N ILE B 43 6.98 -3.01 -23.20
CA ILE B 43 6.74 -3.16 -21.78
C ILE B 43 5.25 -3.28 -21.54
N THR B 44 4.84 -4.29 -20.76
CA THR B 44 3.45 -4.49 -20.40
C THR B 44 3.22 -4.07 -18.95
N VAL B 45 2.24 -3.18 -18.75
CA VAL B 45 1.83 -2.79 -17.41
C VAL B 45 0.49 -3.40 -17.05
N ASN B 46 0.31 -3.65 -15.75
CA ASN B 46 -0.99 -4.02 -15.21
C ASN B 46 -1.64 -2.81 -14.50
N HIS B 47 -2.93 -2.95 -14.15
CA HIS B 47 -3.72 -1.79 -13.72
C HIS B 47 -3.57 -0.65 -14.73
N SER B 48 -3.58 -1.02 -16.00
CA SER B 48 -3.42 -0.09 -17.11
C SER B 48 -4.30 1.16 -16.97
N HIS B 49 -5.57 0.97 -16.58
CA HIS B 49 -6.49 2.12 -16.55
C HIS B 49 -6.14 3.15 -15.45
N TRP B 50 -5.29 2.75 -14.51
CA TRP B 50 -4.79 3.69 -13.48
C TRP B 50 -3.59 4.49 -13.96
N ILE B 51 -2.95 4.00 -15.02
CA ILE B 51 -1.70 4.61 -15.48
C ILE B 51 -2.06 5.43 -16.70
N THR B 52 -2.14 6.76 -16.53
CA THR B 52 -2.71 7.60 -17.57
C THR B 52 -1.71 7.99 -18.65
N GLY B 53 -0.42 7.86 -18.34
CA GLY B 53 0.64 8.18 -19.30
C GLY B 53 1.98 7.60 -18.87
N MET B 54 2.81 7.24 -19.85
CA MET B 54 4.19 6.83 -19.58
C MET B 54 5.12 7.39 -20.63
N SER B 55 6.34 7.75 -20.22
CA SER B 55 7.37 8.14 -21.16
CA SER B 55 7.39 8.17 -21.14
C SER B 55 8.70 7.51 -20.72
N ILE B 56 9.57 7.24 -21.68
CA ILE B 56 10.92 6.75 -21.37
C ILE B 56 11.91 7.54 -22.21
N GLU B 57 12.96 8.01 -21.55
CA GLU B 57 14.07 8.71 -22.20
C GLU B 57 13.59 9.89 -23.04
N GLY B 58 12.53 10.54 -22.57
CA GLY B 58 12.00 11.75 -23.20
C GLY B 58 10.90 11.53 -24.23
N HIS B 59 10.50 10.28 -24.44
CA HIS B 59 9.51 9.95 -25.45
C HIS B 59 8.28 9.26 -24.90
N LYS B 60 7.12 9.75 -25.30
CA LYS B 60 5.85 9.16 -24.89
C LYS B 60 5.68 7.74 -25.40
N GLU B 61 4.99 6.93 -24.62
CA GLU B 61 4.67 5.56 -25.01
C GLU B 61 4.01 5.47 -26.39
N ASN B 62 4.33 4.40 -27.10
CA ASN B 62 3.59 4.02 -28.30
C ASN B 62 2.83 2.76 -27.95
N ILE B 63 1.53 2.91 -27.68
CA ILE B 63 0.72 1.80 -27.21
C ILE B 63 0.43 0.88 -28.38
N ILE B 64 0.97 -0.34 -28.32
CA ILE B 64 0.83 -1.27 -29.43
C ILE B 64 -0.33 -2.26 -29.26
N SER B 65 -0.69 -2.59 -28.01
CA SER B 65 -1.81 -3.48 -27.73
C SER B 65 -2.37 -3.33 -26.31
N LYS B 66 -3.61 -3.77 -26.12
CA LYS B 66 -4.31 -3.68 -24.84
C LYS B 66 -5.01 -5.00 -24.52
N ASN B 67 -5.04 -5.36 -23.23
CA ASN B 67 -5.86 -6.47 -22.75
C ASN B 67 -6.86 -5.93 -21.71
N THR B 68 -8.09 -5.68 -22.16
CA THR B 68 -9.15 -5.14 -21.30
CA THR B 68 -9.09 -5.11 -21.25
C THR B 68 -9.50 -6.10 -20.14
N ALA B 69 -9.59 -7.38 -20.47
CA ALA B 69 -9.91 -8.41 -19.47
C ALA B 69 -8.92 -8.43 -18.30
N LYS B 70 -7.64 -8.27 -18.61
CA LYS B 70 -6.59 -8.28 -17.59
C LYS B 70 -6.25 -6.89 -17.08
N ASP B 71 -6.83 -5.86 -17.72
CA ASP B 71 -6.50 -4.46 -17.47
C ASP B 71 -5.00 -4.24 -17.64
N GLU B 72 -4.50 -4.66 -18.80
CA GLU B 72 -3.09 -4.51 -19.16
C GLU B 72 -2.97 -3.78 -20.49
N ARG B 73 -1.82 -3.14 -20.71
CA ARG B 73 -1.47 -2.64 -22.02
C ARG B 73 0.03 -2.85 -22.24
N THR B 74 0.39 -2.92 -23.52
CA THR B 74 1.78 -3.07 -23.92
C THR B 74 2.19 -1.87 -24.75
N SER B 75 3.27 -1.22 -24.34
CA SER B 75 3.76 -0.05 -25.04
C SER B 75 5.20 -0.24 -25.49
N GLU B 76 5.51 0.33 -26.65
CA GLU B 76 6.85 0.32 -27.21
C GLU B 76 7.53 1.68 -27.01
N PHE B 77 8.82 1.64 -26.74
CA PHE B 77 9.65 2.82 -26.56
C PHE B 77 10.98 2.58 -27.26
N GLU B 78 11.44 3.56 -28.04
CA GLU B 78 12.81 3.52 -28.53
C GLU B 78 13.74 3.91 -27.39
N VAL B 79 14.80 3.14 -27.22
CA VAL B 79 15.78 3.38 -26.16
C VAL B 79 17.21 3.43 -26.71
N SER B 80 18.09 4.13 -25.99
CA SER B 80 19.47 4.30 -26.44
C SER B 80 20.35 3.09 -26.19
N LYS B 81 19.89 2.22 -25.30
CA LYS B 81 20.64 1.04 -24.87
C LYS B 81 19.68 0.03 -24.22
N LEU B 82 20.08 -1.23 -24.18
CA LEU B 82 19.25 -2.29 -23.61
C LEU B 82 19.80 -2.81 -22.30
N ASN B 83 20.90 -2.23 -21.86
CA ASN B 83 21.51 -2.58 -20.60
C ASN B 83 21.95 -1.31 -19.88
N GLY B 84 21.51 -1.15 -18.63
CA GLY B 84 21.83 0.02 -17.84
C GLY B 84 20.58 0.78 -17.42
N LYS B 85 20.81 1.94 -16.81
CA LYS B 85 19.73 2.78 -16.28
C LYS B 85 19.24 3.81 -17.29
N ILE B 86 17.92 3.88 -17.45
CA ILE B 86 17.29 4.89 -18.29
C ILE B 86 16.10 5.50 -17.53
N ASP B 87 16.01 6.82 -17.50
CA ASP B 87 14.94 7.46 -16.73
C ASP B 87 13.66 7.54 -17.55
N GLY B 88 12.55 7.56 -16.84
CA GLY B 88 11.24 7.72 -17.43
C GLY B 88 10.28 8.47 -16.50
N LYS B 89 9.01 8.53 -16.91
CA LYS B 89 7.98 9.22 -16.14
C LYS B 89 6.68 8.45 -16.23
N ILE B 90 5.81 8.67 -15.25
CA ILE B 90 4.55 7.96 -15.16
C ILE B 90 3.51 8.87 -14.47
N ASP B 91 2.30 8.90 -15.03
CA ASP B 91 1.19 9.64 -14.46
C ASP B 91 0.17 8.62 -13.96
N VAL B 92 -0.29 8.78 -12.73
CA VAL B 92 -1.18 7.78 -12.11
C VAL B 92 -2.45 8.48 -11.61
N TYR B 93 -3.59 7.86 -11.99
CA TYR B 93 -4.80 8.53 -11.51
C TYR B 93 -5.85 7.53 -11.09
N ILE B 94 -6.32 7.43 -9.91
CA ILE B 94 -7.30 6.47 -9.43
C ILE B 94 -8.49 7.23 -8.86
N ASP B 95 -9.69 6.84 -9.29
CA ASP B 95 -10.93 7.44 -8.79
C ASP B 95 -11.96 6.32 -8.75
N GLU B 96 -11.93 5.52 -7.69
CA GLU B 96 -12.86 4.41 -7.53
C GLU B 96 -12.35 3.39 -6.53
N LYS B 97 -12.97 2.22 -6.51
CA LYS B 97 -14.09 1.93 -7.38
C LYS B 97 -15.39 1.84 -6.58
N VAL B 98 -15.56 2.76 -5.64
CA VAL B 98 -16.74 2.77 -4.79
C VAL B 98 -16.95 1.39 -4.18
N ASN B 99 -18.17 0.86 -4.33
CA ASN B 99 -18.49 -0.46 -3.83
C ASN B 99 -18.58 -0.53 -2.31
N GLY B 100 -17.96 0.44 -1.63
CA GLY B 100 -17.98 0.46 -0.18
C GLY B 100 -16.88 1.32 0.41
N LYS B 101 -15.97 1.78 -0.45
CA LYS B 101 -14.85 2.62 -0.02
C LYS B 101 -14.30 3.41 -1.20
N PRO B 102 -14.30 4.74 -1.05
CA PRO B 102 -13.79 5.62 -2.10
C PRO B 102 -12.27 5.74 -2.06
N PHE B 103 -11.63 5.49 -3.20
CA PHE B 103 -10.17 5.57 -3.29
C PHE B 103 -9.79 6.64 -4.29
N LYS B 104 -8.92 7.56 -3.88
CA LYS B 104 -8.51 8.64 -4.75
C LYS B 104 -6.99 8.77 -4.77
N TYR B 105 -6.42 8.93 -5.97
CA TYR B 105 -4.98 9.03 -6.14
C TYR B 105 -4.65 9.83 -7.39
N ASP B 106 -3.79 10.83 -7.26
CA ASP B 106 -3.46 11.71 -8.38
C ASP B 106 -2.03 12.17 -8.22
N HIS B 107 -1.12 11.48 -8.92
CA HIS B 107 0.31 11.73 -8.77
C HIS B 107 1.08 11.58 -10.05
N HIS B 108 2.25 12.21 -10.10
CA HIS B 108 3.08 12.27 -11.29
C HIS B 108 4.50 12.06 -10.85
N TYR B 109 5.16 11.06 -11.43
CA TYR B 109 6.48 10.65 -10.96
C TYR B 109 7.53 10.52 -12.04
N ASN B 110 8.76 10.82 -11.67
CA ASN B 110 9.94 10.32 -12.37
C ASN B 110 10.28 8.93 -11.82
N ILE B 111 10.75 8.04 -12.69
CA ILE B 111 11.21 6.71 -12.29
C ILE B 111 12.48 6.37 -13.05
N THR B 112 13.20 5.35 -12.58
CA THR B 112 14.42 4.90 -13.26
C THR B 112 14.29 3.42 -13.59
N TYR B 113 14.40 3.11 -14.88
CA TYR B 113 14.41 1.73 -15.33
C TYR B 113 15.84 1.19 -15.28
N LYS B 114 16.00 -0.01 -14.75
CA LYS B 114 17.26 -0.72 -14.86
C LYS B 114 17.06 -1.93 -15.77
N PHE B 115 17.56 -1.83 -16.99
CA PHE B 115 17.44 -2.87 -17.99
C PHE B 115 18.66 -3.79 -17.94
N ASN B 116 18.38 -5.09 -18.02
CA ASN B 116 19.41 -6.10 -17.92
C ASN B 116 19.48 -6.94 -19.18
N GLY B 117 19.38 -6.27 -20.34
CA GLY B 117 19.41 -6.96 -21.63
C GLY B 117 20.80 -7.00 -22.23
N PRO B 118 20.88 -7.19 -23.57
CA PRO B 118 22.13 -7.24 -24.33
C PRO B 118 22.99 -6.00 -24.13
N THR B 119 24.30 -6.20 -24.06
CA THR B 119 25.26 -5.10 -23.91
C THR B 119 26.24 -5.01 -25.07
ZN ZN C . 4.49 3.83 1.65
ZN ZN D . 7.24 -2.63 3.57
CL CL E . 3.57 4.64 17.17
CHA HEM F . -3.84 5.60 1.73
CHB HEM F . -5.68 2.51 -1.53
CHC HEM F . -5.81 -0.99 1.85
CHD HEM F . -4.41 2.19 5.19
C1A HEM F . -4.31 5.08 0.55
C2A HEM F . -4.39 5.79 -0.72
C3A HEM F . -4.91 4.93 -1.62
C4A HEM F . -5.17 3.66 -0.96
CMA HEM F . -5.17 5.26 -3.11
CAA HEM F . -3.95 7.26 -0.95
CBA HEM F . -2.42 7.29 -1.01
CGA HEM F . -1.90 8.62 -1.48
O1A HEM F . -2.65 9.35 -2.19
O2A HEM F . -0.73 8.96 -1.16
C1B HEM F . -5.88 1.29 -0.90
C2B HEM F . -6.43 0.08 -1.51
C3B HEM F . -6.46 -0.87 -0.56
C4B HEM F . -5.95 -0.30 0.66
CMB HEM F . -6.89 -0.04 -2.98
CAB HEM F . -6.96 -2.34 -0.62
CBB HEM F . -7.18 -3.00 -1.75
C1C HEM F . -5.46 -0.42 3.05
C2C HEM F . -5.47 -1.10 4.34
C3C HEM F . -5.08 -0.20 5.27
C4C HEM F . -4.82 1.04 4.58
CMC HEM F . -5.84 -2.57 4.58
CAC HEM F . -4.90 -0.39 6.79
CBC HEM F . -5.59 -1.28 7.50
C1D HEM F . -4.13 3.39 4.58
C2D HEM F . -3.67 4.57 5.26
C3D HEM F . -3.49 5.63 4.19
C4D HEM F . -3.86 4.98 2.96
CMD HEM F . -3.41 4.72 6.77
CAD HEM F . -3.00 7.09 4.40
CBD HEM F . -4.18 8.07 4.30
CGD HEM F . -5.30 7.73 5.26
O1D HEM F . -6.47 7.58 4.80
O2D HEM F . -5.02 7.60 6.48
NA HEM F . -4.77 3.80 0.38
NB HEM F . -5.60 1.01 0.41
NC HEM F . -5.07 0.90 3.23
ND HEM F . -4.23 3.66 3.22
FE HEM F . -4.48 2.21 1.71
ZN ZN G . -2.34 15.34 -11.25
ZN ZN H . -1.99 11.12 -2.95
ZN ZN I . 12.98 -9.31 -38.73
ZN ZN J . 8.33 -11.21 -31.43
CL CL K . 10.79 10.51 -20.05
CHA HEM L . 4.97 6.81 -4.13
CHB HEM L . 0.86 4.96 -2.31
CHC HEM L . -0.40 3.37 -6.72
CHD HEM L . 3.93 4.72 -8.44
C1A HEM L . 3.95 6.46 -3.27
C2A HEM L . 3.90 6.82 -1.85
C3A HEM L . 2.76 6.31 -1.36
C4A HEM L . 2.07 5.61 -2.42
CMA HEM L . 2.24 6.42 0.09
CAA HEM L . 4.98 7.65 -1.11
CBA HEM L . 6.25 6.83 -0.87
CGA HEM L . 5.96 5.60 -0.06
O1A HEM L . 5.18 5.65 0.92
O2A HEM L . 6.54 4.51 -0.36
C1B HEM L . 0.16 4.35 -3.34
C2B HEM L . -1.11 3.67 -3.21
C3B HEM L . -1.46 3.22 -4.44
C4B HEM L . -0.41 3.62 -5.36
CMB HEM L . -1.85 3.51 -1.86
CAB HEM L . -2.71 2.44 -4.91
CBB HEM L . -3.16 1.32 -4.36
C1C HEM L . 0.67 3.57 -7.57
C2C HEM L . 0.75 3.19 -8.97
C3C HEM L . 1.96 3.55 -9.44
C4C HEM L . 2.66 4.20 -8.34
CMC HEM L . -0.40 2.46 -9.74
CAC HEM L . 2.56 3.38 -10.86
CBC HEM L . 2.13 2.43 -11.70
C1D HEM L . 4.58 5.41 -7.44
C2D HEM L . 5.87 6.03 -7.61
C3D HEM L . 6.21 6.69 -6.28
C4D HEM L . 5.08 6.40 -5.43
CMD HEM L . 6.71 6.00 -8.90
CAD HEM L . 7.48 7.49 -5.93
CBD HEM L . 8.48 6.71 -5.08
CGD HEM L . 8.88 5.42 -5.75
O1D HEM L . 9.30 5.45 -6.94
O2D HEM L . 8.80 4.35 -5.10
NA HEM L . 2.82 5.73 -3.57
NB HEM L . 0.56 4.30 -4.66
NC HEM L . 1.86 4.19 -7.23
ND HEM L . 4.14 5.67 -6.14
FE HEM L . 2.18 5.27 -5.49
#